data_1G67
#
_entry.id   1G67
#
_cell.length_a   76.980
_cell.length_b   76.980
_cell.length_c   140.150
_cell.angle_alpha   90.00
_cell.angle_beta   90.00
_cell.angle_gamma   90.00
#
_symmetry.space_group_name_H-M   'P 43 21 2'
#
loop_
_entity.id
_entity.type
_entity.pdbx_description
1 polymer 'THIAMIN PHOSPHATE SYNTHASE'
2 non-polymer 'MAGNESIUM ION'
3 non-polymer 2-METHYL-5-METHYLENE-5H-PYRIMIDIN-4-YLIDENEAMINE
4 non-polymer 'PYROPHOSPHATE 2-'
5 non-polymer '4-METHYL-5-HYDROXYETHYLTHIAZOLE PHOSPHATE'
6 water water
#
_entity_poly.entity_id   1
_entity_poly.type   'polypeptide(L)'
_entity_poly.pdbx_seq_one_letter_code
;GIRMTRISREMMKELLSVYFIMGSNNTKADPVTVVQKALKGGATLYQFREKGGDALTGEARIKFAEKAQAACREAGVPFI
VNDDVELALNLKADGIHIGQEDANAKEVRAAIGDMILGVAAHTMSEVKQAEEDGADYVGLGPIYPTETKKDTRAVQGVSL
IEAVRRQGISIPIVGIGGITIDNAAPVIQAGADGVSMISAISQAEDPESAARKFREEIQTYKTGR
;
_entity_poly.pdbx_strand_id   A,B
#
loop_
_chem_comp.id
_chem_comp.type
_chem_comp.name
_chem_comp.formula
ICP non-polymer 2-METHYL-5-METHYLENE-5H-PYRIMIDIN-4-YLIDENEAMINE 'C6 H7 N3'
MG non-polymer 'MAGNESIUM ION' 'Mg 2'
POP non-polymer 'PYROPHOSPHATE 2-' 'H2 O7 P2 -2'
TZP non-polymer '4-METHYL-5-HYDROXYETHYLTHIAZOLE PHOSPHATE' 'C6 H10 N O4 P S'
#
# COMPACT_ATOMS: atom_id res chain seq x y z
N GLY A 1 7.50 -2.13 -1.51
CA GLY A 1 6.66 -2.28 -0.28
C GLY A 1 6.97 -1.23 0.78
N ILE A 2 6.38 -1.37 1.95
CA ILE A 2 6.61 -0.43 3.03
C ILE A 2 8.03 -0.61 3.55
N ARG A 3 8.64 0.49 3.99
CA ARG A 3 10.00 0.44 4.50
C ARG A 3 10.06 0.11 5.99
N MET A 4 10.94 -0.82 6.34
CA MET A 4 11.12 -1.23 7.73
C MET A 4 12.40 -0.59 8.26
N THR A 5 13.04 0.20 7.40
CA THR A 5 14.27 0.92 7.73
C THR A 5 14.28 2.22 6.95
N ARG A 6 14.93 3.24 7.50
CA ARG A 6 15.00 4.54 6.83
C ARG A 6 15.72 4.38 5.49
N ILE A 7 15.25 5.11 4.47
CA ILE A 7 15.86 5.05 3.16
C ILE A 7 17.30 5.57 3.27
N SER A 8 18.21 5.00 2.48
CA SER A 8 19.60 5.44 2.53
C SER A 8 19.73 6.76 1.78
N ARG A 9 20.73 7.56 2.14
CA ARG A 9 20.92 8.84 1.48
C ARG A 9 21.25 8.65 0.00
N GLU A 10 22.02 7.61 -0.32
CA GLU A 10 22.38 7.33 -1.70
C GLU A 10 21.14 7.08 -2.56
N MET A 11 20.23 6.26 -2.04
CA MET A 11 19.01 5.94 -2.76
C MET A 11 18.08 7.14 -2.88
N MET A 12 17.98 7.91 -1.80
CA MET A 12 17.11 9.10 -1.80
C MET A 12 17.58 10.08 -2.87
N LYS A 13 18.89 10.28 -2.97
CA LYS A 13 19.44 11.21 -3.96
C LYS A 13 19.15 10.75 -5.38
N GLU A 14 19.09 9.44 -5.60
CA GLU A 14 18.80 8.93 -6.93
C GLU A 14 17.34 9.23 -7.32
N LEU A 15 16.44 9.08 -6.35
CA LEU A 15 15.02 9.32 -6.58
C LEU A 15 14.68 10.77 -6.87
N LEU A 16 15.46 11.69 -6.31
CA LEU A 16 15.21 13.11 -6.49
C LEU A 16 15.55 13.71 -7.86
N SER A 17 16.29 12.96 -8.68
CA SER A 17 16.72 13.44 -10.00
C SER A 17 15.70 14.28 -10.79
N VAL A 18 14.57 13.67 -11.14
CA VAL A 18 13.50 14.35 -11.88
C VAL A 18 12.22 14.08 -11.07
N TYR A 19 11.91 15.02 -10.19
CA TYR A 19 10.79 14.93 -9.25
C TYR A 19 9.59 15.72 -9.75
N PHE A 20 8.65 15.02 -10.39
CA PHE A 20 7.45 15.65 -10.93
C PHE A 20 6.37 15.81 -9.86
N ILE A 21 5.79 17.00 -9.78
CA ILE A 21 4.74 17.32 -8.82
C ILE A 21 3.50 17.79 -9.60
N MET A 22 2.32 17.30 -9.24
CA MET A 22 1.13 17.75 -9.97
C MET A 22 -0.21 17.47 -9.29
N GLY A 23 -1.16 18.36 -9.59
CA GLY A 23 -2.53 18.24 -9.11
C GLY A 23 -3.41 18.41 -10.34
N SER A 24 -4.70 18.10 -10.19
CA SER A 24 -5.63 18.21 -11.33
C SER A 24 -5.79 19.62 -11.89
N ASN A 25 -5.50 20.62 -11.07
CA ASN A 25 -5.65 22.01 -11.51
C ASN A 25 -4.37 22.64 -12.07
N ASN A 26 -3.38 21.81 -12.38
CA ASN A 26 -2.11 22.31 -12.93
C ASN A 26 -1.97 22.04 -14.43
N THR A 27 -3.00 21.48 -15.04
CA THR A 27 -2.96 21.17 -16.47
C THR A 27 -4.34 21.25 -17.10
N LYS A 28 -4.37 21.53 -18.41
CA LYS A 28 -5.60 21.63 -19.17
C LYS A 28 -5.95 20.28 -19.79
N ALA A 29 -5.00 19.34 -19.73
CA ALA A 29 -5.23 18.01 -20.29
C ALA A 29 -5.81 17.09 -19.21
N ASP A 30 -5.96 15.81 -19.52
CA ASP A 30 -6.48 14.89 -18.53
C ASP A 30 -5.37 14.64 -17.48
N PRO A 31 -5.66 14.94 -16.20
CA PRO A 31 -4.66 14.76 -15.13
C PRO A 31 -3.89 13.43 -15.10
N VAL A 32 -4.60 12.31 -15.02
CA VAL A 32 -3.93 11.02 -14.96
C VAL A 32 -3.09 10.75 -16.22
N THR A 33 -3.60 11.14 -17.38
CA THR A 33 -2.85 10.94 -18.62
C THR A 33 -1.51 11.69 -18.57
N VAL A 34 -1.52 12.90 -18.04
CA VAL A 34 -0.29 13.69 -17.94
C VAL A 34 0.71 12.99 -17.02
N VAL A 35 0.23 12.46 -15.91
CA VAL A 35 1.11 11.76 -14.97
C VAL A 35 1.71 10.54 -15.66
N GLN A 36 0.89 9.79 -16.39
CA GLN A 36 1.36 8.60 -17.09
C GLN A 36 2.45 8.95 -18.10
N LYS A 37 2.28 10.06 -18.80
CA LYS A 37 3.24 10.51 -19.79
C LYS A 37 4.55 10.97 -19.16
N ALA A 38 4.46 11.64 -18.01
CA ALA A 38 5.65 12.12 -17.31
C ALA A 38 6.47 10.92 -16.81
N LEU A 39 5.77 9.89 -16.35
CA LEU A 39 6.43 8.68 -15.86
C LEU A 39 7.09 7.91 -17.01
N LYS A 40 6.40 7.84 -18.14
CA LYS A 40 6.93 7.14 -19.31
C LYS A 40 8.20 7.84 -19.80
N GLY A 41 8.17 9.16 -19.78
CA GLY A 41 9.30 9.96 -20.24
C GLY A 41 10.54 9.83 -19.37
N GLY A 42 10.36 9.60 -18.08
CA GLY A 42 11.52 9.44 -17.22
C GLY A 42 11.52 10.06 -15.83
N ALA A 43 10.38 10.54 -15.35
CA ALA A 43 10.35 11.10 -14.00
C ALA A 43 10.74 10.01 -13.03
N THR A 44 11.55 10.35 -12.03
CA THR A 44 12.02 9.37 -11.06
C THR A 44 11.26 9.35 -9.74
N LEU A 45 10.42 10.37 -9.53
CA LEU A 45 9.63 10.47 -8.31
C LEU A 45 8.40 11.32 -8.62
N TYR A 46 7.27 11.02 -7.98
CA TYR A 46 6.05 11.80 -8.21
C TYR A 46 5.38 12.21 -6.90
N GLN A 47 4.95 13.47 -6.85
CA GLN A 47 4.26 14.01 -5.68
C GLN A 47 2.83 14.43 -6.02
N PHE A 48 1.87 13.83 -5.31
CA PHE A 48 0.46 14.13 -5.47
C PHE A 48 0.17 15.41 -4.66
N ARG A 49 -0.05 16.51 -5.36
CA ARG A 49 -0.31 17.80 -4.70
C ARG A 49 -1.61 18.36 -5.24
N GLU A 50 -2.68 18.17 -4.47
CA GLU A 50 -4.02 18.59 -4.86
C GLU A 50 -4.58 19.62 -3.88
N LYS A 51 -4.42 20.91 -4.20
CA LYS A 51 -4.90 21.96 -3.31
C LYS A 51 -5.17 23.26 -4.06
N GLY A 52 -5.81 24.19 -3.37
CA GLY A 52 -6.12 25.48 -3.97
C GLY A 52 -7.41 25.50 -4.75
N GLY A 53 -7.62 26.57 -5.50
CA GLY A 53 -8.84 26.71 -6.28
C GLY A 53 -9.12 25.53 -7.19
N ASP A 54 -10.39 25.30 -7.46
CA ASP A 54 -10.87 24.22 -8.31
C ASP A 54 -10.21 22.85 -8.11
N ALA A 55 -9.57 22.65 -6.97
CA ALA A 55 -8.93 21.37 -6.69
C ALA A 55 -10.02 20.38 -6.25
N LEU A 56 -9.79 19.09 -6.46
CA LEU A 56 -10.77 18.07 -6.08
C LEU A 56 -10.78 17.88 -4.57
N THR A 57 -11.94 17.49 -4.04
CA THR A 57 -12.08 17.24 -2.61
C THR A 57 -12.92 15.98 -2.39
N GLY A 58 -13.12 15.61 -1.13
CA GLY A 58 -13.92 14.44 -0.81
C GLY A 58 -13.41 13.14 -1.44
N GLU A 59 -14.33 12.23 -1.74
CA GLU A 59 -13.92 10.96 -2.32
C GLU A 59 -13.42 11.10 -3.75
N ALA A 60 -13.78 12.19 -4.41
CA ALA A 60 -13.31 12.42 -5.78
C ALA A 60 -11.80 12.62 -5.73
N ARG A 61 -11.32 13.28 -4.67
CA ARG A 61 -9.89 13.51 -4.49
C ARG A 61 -9.19 12.18 -4.20
N ILE A 62 -9.82 11.36 -3.36
CA ILE A 62 -9.24 10.08 -3.00
C ILE A 62 -9.15 9.17 -4.24
N LYS A 63 -10.20 9.14 -5.05
CA LYS A 63 -10.19 8.30 -6.25
C LYS A 63 -9.11 8.74 -7.25
N PHE A 64 -8.91 10.04 -7.36
CA PHE A 64 -7.87 10.56 -8.25
C PHE A 64 -6.50 10.14 -7.71
N ALA A 65 -6.32 10.24 -6.40
CA ALA A 65 -5.06 9.85 -5.77
C ALA A 65 -4.77 8.37 -6.03
N GLU A 66 -5.81 7.54 -5.93
CA GLU A 66 -5.66 6.11 -6.17
C GLU A 66 -5.23 5.82 -7.60
N LYS A 67 -5.77 6.56 -8.56
CA LYS A 67 -5.41 6.36 -9.96
C LYS A 67 -3.98 6.80 -10.24
N ALA A 68 -3.56 7.90 -9.62
CA ALA A 68 -2.21 8.38 -9.80
C ALA A 68 -1.21 7.40 -9.17
N GLN A 69 -1.59 6.83 -8.03
CA GLN A 69 -0.72 5.87 -7.34
C GLN A 69 -0.58 4.60 -8.18
N ALA A 70 -1.66 4.19 -8.83
CA ALA A 70 -1.65 3.01 -9.67
C ALA A 70 -0.71 3.23 -10.86
N ALA A 71 -0.72 4.44 -11.41
CA ALA A 71 0.15 4.77 -12.54
C ALA A 71 1.61 4.69 -12.09
N CYS A 72 1.87 5.13 -10.86
CA CYS A 72 3.24 5.07 -10.34
C CYS A 72 3.67 3.62 -10.17
N ARG A 73 2.77 2.76 -9.69
CA ARG A 73 3.09 1.35 -9.52
C ARG A 73 3.46 0.73 -10.87
N GLU A 74 2.70 1.07 -11.90
CA GLU A 74 2.95 0.55 -13.25
C GLU A 74 4.32 0.97 -13.77
N ALA A 75 4.73 2.19 -13.42
CA ALA A 75 6.01 2.73 -13.87
C ALA A 75 7.19 2.39 -12.95
N GLY A 76 6.90 1.83 -11.79
CA GLY A 76 7.97 1.50 -10.84
C GLY A 76 8.59 2.73 -10.21
N VAL A 77 7.77 3.76 -9.99
CA VAL A 77 8.22 5.02 -9.40
C VAL A 77 7.48 5.27 -8.08
N PRO A 78 8.19 5.74 -7.05
CA PRO A 78 7.54 6.01 -5.75
C PRO A 78 6.50 7.15 -5.81
N PHE A 79 5.48 7.02 -4.97
CA PHE A 79 4.36 7.95 -4.89
C PHE A 79 4.40 8.69 -3.54
N ILE A 80 4.58 10.01 -3.61
CA ILE A 80 4.65 10.87 -2.42
C ILE A 80 3.40 11.75 -2.32
N VAL A 81 2.87 11.90 -1.11
CA VAL A 81 1.69 12.75 -0.90
C VAL A 81 2.07 14.09 -0.27
N ASN A 82 1.52 15.20 -0.76
CA ASN A 82 1.82 16.49 -0.18
C ASN A 82 0.81 16.88 0.91
N ASP A 83 1.34 17.42 2.02
CA ASP A 83 0.56 17.91 3.16
C ASP A 83 -0.23 16.92 4.02
N ASP A 84 -1.08 16.13 3.36
CA ASP A 84 -1.98 15.18 4.01
C ASP A 84 -1.37 13.90 4.58
N VAL A 85 -0.97 13.94 5.85
CA VAL A 85 -0.38 12.78 6.50
C VAL A 85 -1.36 11.60 6.55
N GLU A 86 -2.61 11.89 6.88
CA GLU A 86 -3.64 10.86 6.97
C GLU A 86 -3.84 10.12 5.64
N LEU A 87 -3.88 10.88 4.55
CA LEU A 87 -4.06 10.27 3.23
C LEU A 87 -2.87 9.38 2.87
N ALA A 88 -1.67 9.84 3.20
CA ALA A 88 -0.46 9.08 2.89
C ALA A 88 -0.50 7.72 3.58
N LEU A 89 -0.92 7.70 4.84
CA LEU A 89 -1.01 6.46 5.59
C LEU A 89 -2.14 5.59 5.04
N ASN A 90 -3.30 6.20 4.80
CA ASN A 90 -4.47 5.49 4.29
C ASN A 90 -4.24 4.82 2.92
N LEU A 91 -3.44 5.44 2.06
CA LEU A 91 -3.15 4.92 0.73
C LEU A 91 -1.90 4.05 0.67
N LYS A 92 -1.13 4.04 1.76
CA LYS A 92 0.12 3.31 1.82
C LYS A 92 1.07 3.96 0.81
N ALA A 93 1.12 5.28 0.85
CA ALA A 93 2.02 6.03 -0.02
C ALA A 93 3.46 5.73 0.38
N ASP A 94 4.39 6.04 -0.51
CA ASP A 94 5.80 5.80 -0.23
C ASP A 94 6.42 6.94 0.59
N GLY A 95 5.73 8.07 0.63
CA GLY A 95 6.25 9.19 1.39
C GLY A 95 5.26 10.33 1.55
N ILE A 96 5.68 11.33 2.31
CA ILE A 96 4.88 12.51 2.58
C ILE A 96 5.79 13.73 2.52
N HIS A 97 5.29 14.83 1.95
CA HIS A 97 6.05 16.07 1.87
C HIS A 97 5.30 17.15 2.64
N ILE A 98 6.01 17.86 3.52
CA ILE A 98 5.39 18.93 4.32
C ILE A 98 6.22 20.21 4.30
N GLY A 99 5.57 21.32 4.60
CA GLY A 99 6.23 22.62 4.62
C GLY A 99 6.27 23.24 6.00
N GLN A 100 6.80 24.45 6.08
CA GLN A 100 6.95 25.16 7.36
C GLN A 100 5.65 25.52 8.07
N GLU A 101 4.55 25.61 7.34
CA GLU A 101 3.26 25.94 7.94
C GLU A 101 2.35 24.72 8.10
N ASP A 102 2.89 23.53 7.86
CA ASP A 102 2.11 22.30 7.98
C ASP A 102 2.41 21.61 9.31
N ALA A 103 2.05 20.34 9.43
CA ALA A 103 2.30 19.59 10.67
C ALA A 103 3.80 19.58 10.97
N ASN A 104 4.15 19.58 12.25
CA ASN A 104 5.55 19.58 12.65
C ASN A 104 6.24 18.28 12.20
N ALA A 105 7.45 18.41 11.66
CA ALA A 105 8.20 17.27 11.16
C ALA A 105 8.48 16.14 12.14
N LYS A 106 8.80 16.47 13.40
CA LYS A 106 9.06 15.42 14.37
C LYS A 106 7.77 14.66 14.65
N GLU A 107 6.64 15.35 14.63
CA GLU A 107 5.35 14.73 14.86
C GLU A 107 5.01 13.81 13.67
N VAL A 108 5.29 14.29 12.46
CA VAL A 108 5.01 13.49 11.27
C VAL A 108 5.91 12.26 11.18
N ARG A 109 7.19 12.41 11.49
CA ARG A 109 8.11 11.27 11.45
C ARG A 109 7.63 10.16 12.39
N ALA A 110 7.09 10.55 13.54
CA ALA A 110 6.60 9.59 14.52
C ALA A 110 5.35 8.85 14.05
N ALA A 111 4.56 9.50 13.21
CA ALA A 111 3.32 8.90 12.71
C ALA A 111 3.48 8.02 11.47
N ILE A 112 4.58 8.18 10.74
CA ILE A 112 4.79 7.43 9.49
C ILE A 112 5.82 6.30 9.49
N GLY A 113 6.43 6.01 10.63
CA GLY A 113 7.42 4.95 10.65
C GLY A 113 8.64 5.30 9.80
N ASP A 114 9.00 4.43 8.87
CA ASP A 114 10.16 4.68 8.02
C ASP A 114 9.83 5.18 6.60
N MET A 115 8.64 5.73 6.44
CA MET A 115 8.18 6.27 5.17
C MET A 115 9.09 7.45 4.81
N ILE A 116 9.19 7.76 3.52
CA ILE A 116 10.02 8.88 3.08
C ILE A 116 9.40 10.19 3.56
N LEU A 117 10.22 11.08 4.11
CA LEU A 117 9.74 12.37 4.60
C LEU A 117 10.53 13.52 3.98
N GLY A 118 9.81 14.39 3.29
CA GLY A 118 10.44 15.55 2.68
C GLY A 118 9.94 16.82 3.37
N VAL A 119 10.83 17.79 3.55
CA VAL A 119 10.46 19.05 4.20
C VAL A 119 10.93 20.25 3.38
N ALA A 120 10.01 21.18 3.13
CA ALA A 120 10.36 22.39 2.40
C ALA A 120 11.08 23.34 3.36
N ALA A 121 12.21 23.91 2.93
CA ALA A 121 12.98 24.81 3.77
C ALA A 121 13.45 26.02 2.95
N HIS A 122 13.54 27.17 3.60
CA HIS A 122 13.97 28.39 2.91
C HIS A 122 15.14 29.10 3.57
N THR A 123 15.55 28.62 4.74
CA THR A 123 16.68 29.22 5.46
C THR A 123 17.57 28.12 6.03
N MET A 124 18.79 28.48 6.40
CA MET A 124 19.73 27.52 6.97
C MET A 124 19.19 26.91 8.26
N SER A 125 18.58 27.74 9.11
CA SER A 125 18.01 27.26 10.37
C SER A 125 16.95 26.19 10.11
N GLU A 126 16.09 26.44 9.11
CA GLU A 126 15.03 25.50 8.76
C GLU A 126 15.59 24.19 8.22
N VAL A 127 16.68 24.27 7.45
CA VAL A 127 17.31 23.08 6.90
C VAL A 127 17.86 22.23 8.04
N LYS A 128 18.55 22.89 8.98
CA LYS A 128 19.13 22.17 10.12
C LYS A 128 18.05 21.54 10.99
N GLN A 129 16.94 22.25 11.19
CA GLN A 129 15.85 21.73 12.01
C GLN A 129 15.20 20.52 11.35
N ALA A 130 15.07 20.56 10.03
CA ALA A 130 14.47 19.46 9.29
C ALA A 130 15.29 18.19 9.45
N GLU A 131 16.61 18.32 9.37
CA GLU A 131 17.48 17.17 9.52
C GLU A 131 17.35 16.58 10.93
N GLU A 132 17.35 17.45 11.93
CA GLU A 132 17.21 17.02 13.32
C GLU A 132 15.88 16.33 13.57
N ASP A 133 14.83 16.77 12.88
CA ASP A 133 13.50 16.18 13.05
C ASP A 133 13.33 14.82 12.38
N GLY A 134 14.27 14.46 11.51
CA GLY A 134 14.19 13.17 10.83
C GLY A 134 13.77 13.18 9.38
N ALA A 135 13.92 14.30 8.69
CA ALA A 135 13.56 14.37 7.28
C ALA A 135 14.56 13.58 6.44
N ASP A 136 14.10 13.00 5.34
CA ASP A 136 14.97 12.24 4.46
C ASP A 136 15.51 13.14 3.35
N TYR A 137 14.80 14.23 3.07
CA TYR A 137 15.25 15.19 2.05
C TYR A 137 14.61 16.55 2.31
N VAL A 138 15.21 17.60 1.74
CA VAL A 138 14.67 18.93 1.88
C VAL A 138 14.47 19.54 0.49
N GLY A 139 13.37 20.27 0.34
CA GLY A 139 13.07 20.93 -0.92
C GLY A 139 13.38 22.39 -0.74
N LEU A 140 14.34 22.90 -1.52
CA LEU A 140 14.75 24.29 -1.40
C LEU A 140 14.34 25.15 -2.57
N GLY A 141 13.82 26.34 -2.27
CA GLY A 141 13.38 27.25 -3.31
C GLY A 141 12.54 28.37 -2.71
N PRO A 142 11.88 29.18 -3.55
CA PRO A 142 11.89 29.10 -5.02
C PRO A 142 13.25 29.50 -5.61
N ILE A 143 13.77 28.68 -6.51
CA ILE A 143 15.05 28.99 -7.16
C ILE A 143 14.83 30.13 -8.14
N TYR A 144 13.78 30.01 -8.95
CA TYR A 144 13.43 31.00 -9.97
C TYR A 144 11.98 31.43 -9.77
N PRO A 145 11.57 32.55 -10.42
CA PRO A 145 10.20 33.04 -10.27
C PRO A 145 9.16 31.99 -10.70
N THR A 146 8.07 31.90 -9.95
CA THR A 146 7.00 30.96 -10.26
C THR A 146 5.64 31.55 -9.88
N GLU A 147 4.62 31.20 -10.65
CA GLU A 147 3.27 31.69 -10.39
C GLU A 147 2.36 30.50 -10.09
N THR A 148 2.92 29.29 -10.17
CA THR A 148 2.16 28.08 -9.91
C THR A 148 1.70 28.06 -8.45
N LYS A 149 2.58 28.48 -7.55
CA LYS A 149 2.28 28.58 -6.13
C LYS A 149 2.41 30.08 -5.84
N LYS A 150 1.32 30.70 -5.41
CA LYS A 150 1.31 32.13 -5.11
C LYS A 150 2.03 32.52 -3.82
N ASP A 151 1.60 31.94 -2.71
CA ASP A 151 2.18 32.25 -1.41
C ASP A 151 3.57 31.63 -1.23
N THR A 152 4.55 32.14 -1.97
CA THR A 152 5.91 31.62 -1.87
C THR A 152 6.86 32.63 -1.22
N ARG A 153 7.95 32.11 -0.67
CA ARG A 153 8.96 32.96 -0.04
C ARG A 153 9.71 33.64 -1.18
N ALA A 154 10.63 34.55 -0.85
CA ALA A 154 11.39 35.27 -1.85
C ALA A 154 12.28 34.36 -2.70
N VAL A 155 12.45 34.71 -3.97
CA VAL A 155 13.30 33.94 -4.87
C VAL A 155 14.73 33.97 -4.35
N GLN A 156 15.36 32.81 -4.27
CA GLN A 156 16.71 32.72 -3.72
C GLN A 156 17.80 32.18 -4.64
N GLY A 157 17.48 31.85 -5.89
CA GLY A 157 18.48 31.30 -6.78
C GLY A 157 19.04 30.03 -6.17
N VAL A 158 20.35 29.79 -6.33
CA VAL A 158 20.94 28.58 -5.76
C VAL A 158 21.77 28.91 -4.52
N SER A 159 21.56 30.11 -3.99
CA SER A 159 22.29 30.57 -2.81
C SER A 159 22.24 29.64 -1.61
N LEU A 160 21.04 29.18 -1.26
CA LEU A 160 20.90 28.31 -0.10
C LEU A 160 21.50 26.93 -0.34
N ILE A 161 21.35 26.41 -1.56
CA ILE A 161 21.92 25.11 -1.90
C ILE A 161 23.42 25.18 -1.67
N GLU A 162 24.05 26.25 -2.16
CA GLU A 162 25.48 26.44 -2.01
C GLU A 162 25.88 26.57 -0.54
N ALA A 163 25.12 27.34 0.22
CA ALA A 163 25.40 27.54 1.63
C ALA A 163 25.32 26.26 2.45
N VAL A 164 24.33 25.43 2.14
CA VAL A 164 24.15 24.17 2.86
C VAL A 164 25.33 23.25 2.63
N ARG A 165 25.76 23.10 1.38
CA ARG A 165 26.90 22.24 1.07
C ARG A 165 28.20 22.79 1.66
N ARG A 166 28.33 24.12 1.66
CA ARG A 166 29.53 24.75 2.19
C ARG A 166 29.70 24.51 3.69
N GLN A 167 28.58 24.26 4.38
CA GLN A 167 28.64 23.99 5.82
C GLN A 167 28.84 22.51 6.13
N GLY A 168 29.06 21.71 5.09
CA GLY A 168 29.28 20.28 5.29
C GLY A 168 28.03 19.42 5.43
N ILE A 169 26.86 20.02 5.22
CA ILE A 169 25.61 19.27 5.32
C ILE A 169 25.41 18.46 4.04
N SER A 170 25.28 17.13 4.20
CA SER A 170 25.12 16.25 3.04
C SER A 170 23.72 15.70 2.82
N ILE A 171 22.73 16.25 3.50
CA ILE A 171 21.34 15.80 3.35
C ILE A 171 20.89 15.90 1.90
N PRO A 172 20.04 14.97 1.45
CA PRO A 172 19.56 15.02 0.06
C PRO A 172 18.79 16.32 -0.18
N ILE A 173 19.08 16.98 -1.30
CA ILE A 173 18.44 18.25 -1.65
C ILE A 173 17.83 18.24 -3.04
N VAL A 174 16.63 18.79 -3.15
CA VAL A 174 16.00 18.91 -4.45
C VAL A 174 15.60 20.38 -4.59
N GLY A 175 15.90 20.96 -5.76
CA GLY A 175 15.54 22.35 -5.98
C GLY A 175 14.14 22.45 -6.54
N ILE A 176 13.45 23.55 -6.25
CA ILE A 176 12.10 23.74 -6.74
C ILE A 176 11.80 25.21 -7.00
N GLY A 177 10.92 25.46 -7.97
CA GLY A 177 10.52 26.83 -8.29
C GLY A 177 10.97 27.35 -9.65
N GLY A 178 10.05 27.38 -10.60
CA GLY A 178 10.35 27.89 -11.94
C GLY A 178 11.42 27.16 -12.72
N ILE A 179 11.67 25.90 -12.40
CA ILE A 179 12.69 25.14 -13.10
C ILE A 179 12.20 24.64 -14.46
N THR A 180 13.04 24.85 -15.47
CA THR A 180 12.74 24.46 -16.84
C THR A 180 13.92 23.64 -17.40
N ILE A 181 13.74 23.15 -18.62
CA ILE A 181 14.77 22.38 -19.29
C ILE A 181 16.05 23.21 -19.46
N ASP A 182 15.89 24.51 -19.70
CA ASP A 182 17.05 25.37 -19.92
C ASP A 182 17.76 25.94 -18.69
N ASN A 183 17.16 25.88 -17.51
CA ASN A 183 17.82 26.42 -16.33
C ASN A 183 18.09 25.43 -15.19
N ALA A 184 17.98 24.14 -15.49
CA ALA A 184 18.20 23.13 -14.46
C ALA A 184 19.67 22.88 -14.10
N ALA A 185 20.56 23.06 -15.08
CA ALA A 185 21.99 22.82 -14.85
C ALA A 185 22.59 23.47 -13.61
N PRO A 186 22.39 24.79 -13.43
CA PRO A 186 22.96 25.45 -12.25
C PRO A 186 22.50 24.86 -10.92
N VAL A 187 21.30 24.31 -10.89
CA VAL A 187 20.77 23.72 -9.67
C VAL A 187 21.59 22.51 -9.26
N ILE A 188 21.90 21.64 -10.23
CA ILE A 188 22.70 20.45 -9.94
C ILE A 188 24.16 20.85 -9.67
N GLN A 189 24.65 21.85 -10.40
CA GLN A 189 26.02 22.32 -10.23
C GLN A 189 26.26 22.90 -8.84
N ALA A 190 25.22 23.51 -8.27
CA ALA A 190 25.34 24.11 -6.94
C ALA A 190 25.40 23.06 -5.84
N GLY A 191 25.03 21.82 -6.17
CA GLY A 191 25.08 20.76 -5.18
C GLY A 191 23.78 20.02 -4.93
N ALA A 192 22.73 20.34 -5.69
CA ALA A 192 21.45 19.67 -5.52
C ALA A 192 21.52 18.26 -6.09
N ASP A 193 20.65 17.38 -5.58
CA ASP A 193 20.62 16.00 -6.03
C ASP A 193 19.53 15.78 -7.08
N GLY A 194 18.81 16.86 -7.41
CA GLY A 194 17.75 16.74 -8.39
C GLY A 194 16.96 18.03 -8.52
N VAL A 195 16.00 18.02 -9.44
CA VAL A 195 15.14 19.18 -9.66
C VAL A 195 13.69 18.71 -9.62
N SER A 196 12.82 19.56 -9.09
CA SER A 196 11.39 19.26 -9.02
C SER A 196 10.66 20.34 -9.80
N MET A 197 9.54 19.96 -10.42
CA MET A 197 8.79 20.91 -11.22
C MET A 197 7.34 20.52 -11.41
N ILE A 198 6.51 21.52 -11.71
CA ILE A 198 5.11 21.29 -11.99
C ILE A 198 4.83 21.68 -13.45
N SER A 199 4.73 22.98 -13.70
CA SER A 199 4.38 23.46 -15.05
C SER A 199 5.29 23.12 -16.23
N ALA A 200 6.60 23.00 -16.03
CA ALA A 200 7.48 22.67 -17.15
C ALA A 200 7.10 21.34 -17.79
N ILE A 201 6.43 20.49 -17.02
CA ILE A 201 5.99 19.20 -17.56
C ILE A 201 4.45 19.16 -17.71
N SER A 202 3.73 19.58 -16.67
CA SER A 202 2.27 19.54 -16.70
C SER A 202 1.60 20.39 -17.78
N GLN A 203 2.24 21.49 -18.17
CA GLN A 203 1.69 22.38 -19.17
C GLN A 203 2.45 22.34 -20.49
N ALA A 204 3.33 21.37 -20.64
CA ALA A 204 4.11 21.24 -21.87
C ALA A 204 3.22 20.64 -22.96
N GLU A 205 3.46 21.02 -24.21
CA GLU A 205 2.65 20.48 -25.29
C GLU A 205 2.96 18.98 -25.43
N ASP A 206 4.15 18.59 -24.98
CA ASP A 206 4.59 17.19 -25.03
C ASP A 206 5.22 16.82 -23.69
N PRO A 207 4.39 16.46 -22.69
CA PRO A 207 4.92 16.09 -21.37
C PRO A 207 5.93 14.94 -21.36
N GLU A 208 5.72 13.94 -22.20
CA GLU A 208 6.63 12.80 -22.23
C GLU A 208 8.03 13.22 -22.68
N SER A 209 8.09 14.02 -23.75
CA SER A 209 9.36 14.50 -24.28
C SER A 209 10.06 15.42 -23.28
N ALA A 210 9.29 16.22 -22.55
CA ALA A 210 9.85 17.14 -21.56
C ALA A 210 10.51 16.35 -20.43
N ALA A 211 9.81 15.33 -19.95
CA ALA A 211 10.31 14.48 -18.87
C ALA A 211 11.56 13.74 -19.32
N ARG A 212 11.57 13.28 -20.57
CA ARG A 212 12.72 12.57 -21.10
C ARG A 212 13.93 13.50 -21.22
N LYS A 213 13.68 14.75 -21.60
CA LYS A 213 14.76 15.73 -21.73
C LYS A 213 15.37 15.97 -20.36
N PHE A 214 14.52 16.18 -19.36
CA PHE A 214 14.99 16.39 -17.99
C PHE A 214 15.85 15.22 -17.52
N ARG A 215 15.35 14.00 -17.72
CA ARG A 215 16.06 12.80 -17.30
C ARG A 215 17.45 12.72 -17.92
N GLU A 216 17.52 12.97 -19.22
CA GLU A 216 18.80 12.92 -19.94
C GLU A 216 19.77 13.98 -19.41
N GLU A 217 19.27 15.21 -19.31
CA GLU A 217 20.07 16.33 -18.82
C GLU A 217 20.61 16.14 -17.41
N ILE A 218 19.72 15.82 -16.47
CA ILE A 218 20.13 15.65 -15.08
C ILE A 218 21.20 14.56 -14.92
N GLN A 219 21.07 13.46 -15.65
CA GLN A 219 22.06 12.38 -15.57
C GLN A 219 23.43 12.93 -15.94
N THR A 220 23.49 13.71 -17.01
CA THR A 220 24.74 14.29 -17.49
C THR A 220 25.32 15.28 -16.48
N TYR A 221 24.46 16.14 -15.93
CA TYR A 221 24.89 17.14 -14.96
C TYR A 221 25.45 16.49 -13.69
N LYS A 222 24.79 15.43 -13.22
CA LYS A 222 25.24 14.75 -12.01
C LYS A 222 26.59 14.04 -12.19
N THR A 223 26.82 13.50 -13.38
CA THR A 223 28.09 12.83 -13.64
C THR A 223 29.18 13.88 -13.83
N GLY A 224 28.78 15.06 -14.32
CA GLY A 224 29.73 16.13 -14.56
C GLY A 224 30.05 17.00 -13.35
N ARG A 225 29.51 16.65 -12.18
CA ARG A 225 29.76 17.41 -10.97
C ARG A 225 29.92 16.50 -9.76
N GLY B 1 -5.28 1.29 5.20
CA GLY B 1 -3.86 1.69 4.97
C GLY B 1 -2.89 1.07 5.98
N ILE B 2 -1.73 1.71 6.12
CA ILE B 2 -0.70 1.23 7.03
C ILE B 2 -1.18 1.21 8.49
N ARG B 3 -0.81 0.16 9.20
CA ARG B 3 -1.18 0.03 10.61
C ARG B 3 0.05 0.33 11.48
N MET B 4 -0.13 1.11 12.53
CA MET B 4 0.96 1.45 13.43
C MET B 4 0.79 0.74 14.77
N THR B 5 -0.28 -0.05 14.86
CA THR B 5 -0.56 -0.85 16.04
C THR B 5 -1.26 -2.09 15.48
N ARG B 6 -1.12 -3.22 16.16
CA ARG B 6 -1.77 -4.41 15.66
C ARG B 6 -3.28 -4.28 15.74
N ILE B 7 -3.96 -4.93 14.80
CA ILE B 7 -5.41 -4.88 14.73
C ILE B 7 -6.02 -5.37 16.04
N SER B 8 -7.14 -4.77 16.44
CA SER B 8 -7.79 -5.18 17.68
C SER B 8 -8.54 -6.49 17.43
N ARG B 9 -8.74 -7.25 18.51
CA ARG B 9 -9.45 -8.53 18.43
C ARG B 9 -10.85 -8.33 17.86
N GLU B 10 -11.54 -7.29 18.32
CA GLU B 10 -12.90 -7.01 17.86
C GLU B 10 -12.98 -6.74 16.36
N MET B 11 -12.06 -5.94 15.84
CA MET B 11 -12.06 -5.62 14.43
C MET B 11 -11.66 -6.82 13.56
N MET B 12 -10.74 -7.63 14.06
CA MET B 12 -10.31 -8.82 13.32
C MET B 12 -11.49 -9.79 13.19
N LYS B 13 -12.25 -9.95 14.26
CA LYS B 13 -13.40 -10.84 14.24
C LYS B 13 -14.46 -10.39 13.24
N GLU B 14 -14.59 -9.08 13.05
CA GLU B 14 -15.56 -8.57 12.09
C GLU B 14 -15.13 -8.88 10.66
N LEU B 15 -13.82 -8.81 10.41
CA LEU B 15 -13.30 -9.10 9.07
C LEU B 15 -13.42 -10.57 8.65
N LEU B 16 -13.41 -11.47 9.63
CA LEU B 16 -13.48 -12.90 9.34
C LEU B 16 -14.85 -13.47 8.94
N SER B 17 -15.91 -12.69 9.12
CA SER B 17 -17.28 -13.13 8.80
C SER B 17 -17.41 -14.01 7.56
N VAL B 18 -17.08 -13.45 6.40
CA VAL B 18 -17.15 -14.18 5.13
C VAL B 18 -15.80 -13.97 4.45
N TYR B 19 -14.90 -14.93 4.68
CA TYR B 19 -13.52 -14.89 4.20
C TYR B 19 -13.34 -15.69 2.90
N PHE B 20 -13.39 -15.03 1.76
CA PHE B 20 -13.25 -15.70 0.47
C PHE B 20 -11.78 -15.90 0.10
N ILE B 21 -11.45 -17.11 -0.32
CA ILE B 21 -10.10 -17.48 -0.71
C ILE B 21 -10.15 -17.97 -2.16
N MET B 22 -9.21 -17.53 -3.00
CA MET B 22 -9.24 -17.99 -4.39
C MET B 22 -7.96 -17.77 -5.20
N GLY B 23 -7.75 -18.69 -6.14
CA GLY B 23 -6.63 -18.64 -7.07
C GLY B 23 -7.25 -18.82 -8.45
N SER B 24 -6.49 -18.57 -9.51
CA SER B 24 -7.04 -18.69 -10.87
C SER B 24 -7.45 -20.11 -11.24
N ASN B 25 -6.88 -21.11 -10.58
CA ASN B 25 -7.20 -22.50 -10.88
C ASN B 25 -8.35 -23.05 -10.04
N ASN B 26 -9.13 -22.16 -9.42
CA ASN B 26 -10.28 -22.57 -8.62
C ASN B 26 -11.62 -22.29 -9.29
N THR B 27 -11.57 -21.78 -10.52
CA THR B 27 -12.80 -21.46 -11.25
C THR B 27 -12.60 -21.59 -12.75
N LYS B 28 -13.68 -21.86 -13.47
CA LYS B 28 -13.62 -21.98 -14.92
C LYS B 28 -14.09 -20.68 -15.56
N ALA B 29 -14.52 -19.75 -14.74
CA ALA B 29 -14.99 -18.44 -15.21
C ALA B 29 -13.82 -17.47 -15.17
N ASP B 30 -14.07 -16.20 -15.48
CA ASP B 30 -12.99 -15.23 -15.42
C ASP B 30 -12.60 -15.03 -13.96
N PRO B 31 -11.35 -15.35 -13.61
CA PRO B 31 -10.85 -15.23 -12.23
C PRO B 31 -11.08 -13.87 -11.55
N VAL B 32 -10.66 -12.79 -12.21
CA VAL B 32 -10.83 -11.46 -11.64
C VAL B 32 -12.31 -11.13 -11.41
N THR B 33 -13.16 -11.48 -12.37
CA THR B 33 -14.58 -11.23 -12.27
C THR B 33 -15.20 -11.94 -11.07
N VAL B 34 -14.77 -13.17 -10.81
CA VAL B 34 -15.30 -13.93 -9.68
C VAL B 34 -14.95 -13.22 -8.37
N VAL B 35 -13.71 -12.74 -8.25
CA VAL B 35 -13.30 -12.01 -7.05
C VAL B 35 -14.15 -10.74 -6.90
N GLN B 36 -14.33 -10.00 -7.99
CA GLN B 36 -15.13 -8.79 -7.93
C GLN B 36 -16.58 -9.08 -7.50
N LYS B 37 -17.15 -10.15 -8.04
CA LYS B 37 -18.52 -10.51 -7.69
C LYS B 37 -18.65 -10.92 -6.23
N ALA B 38 -17.67 -11.67 -5.73
CA ALA B 38 -17.69 -12.10 -4.34
C ALA B 38 -17.65 -10.90 -3.42
N LEU B 39 -16.84 -9.90 -3.77
CA LEU B 39 -16.71 -8.69 -2.98
C LEU B 39 -18.02 -7.89 -3.01
N LYS B 40 -18.60 -7.75 -4.20
CA LYS B 40 -19.84 -7.01 -4.36
C LYS B 40 -20.98 -7.68 -3.60
N GLY B 41 -20.92 -9.00 -3.50
CA GLY B 41 -21.96 -9.74 -2.81
C GLY B 41 -21.90 -9.66 -1.29
N GLY B 42 -20.73 -9.40 -0.73
CA GLY B 42 -20.63 -9.29 0.71
C GLY B 42 -19.42 -9.87 1.42
N ALA B 43 -18.45 -10.41 0.68
CA ALA B 43 -17.25 -10.95 1.31
C ALA B 43 -16.57 -9.86 2.13
N THR B 44 -16.17 -10.19 3.36
CA THR B 44 -15.53 -9.22 4.24
C THR B 44 -14.00 -9.25 4.25
N LEU B 45 -13.43 -10.29 3.66
CA LEU B 45 -11.98 -10.44 3.59
C LEU B 45 -11.65 -11.35 2.41
N TYR B 46 -10.50 -11.12 1.77
CA TYR B 46 -10.09 -11.93 0.63
C TYR B 46 -8.64 -12.38 0.74
N GLN B 47 -8.38 -13.63 0.39
CA GLN B 47 -7.03 -14.20 0.42
C GLN B 47 -6.61 -14.68 -0.98
N PHE B 48 -5.48 -14.17 -1.44
CA PHE B 48 -4.91 -14.54 -2.73
C PHE B 48 -4.11 -15.82 -2.49
N ARG B 49 -4.62 -16.93 -3.03
CA ARG B 49 -3.97 -18.24 -2.86
C ARG B 49 -3.82 -18.85 -4.24
N GLU B 50 -2.59 -18.80 -4.76
CA GLU B 50 -2.28 -19.29 -6.10
C GLU B 50 -1.20 -20.37 -6.02
N LYS B 51 -1.61 -21.62 -6.02
CA LYS B 51 -0.67 -22.74 -5.93
C LYS B 51 -1.30 -24.00 -6.51
N GLY B 52 -0.47 -25.02 -6.76
CA GLY B 52 -1.00 -26.26 -7.30
C GLY B 52 -0.59 -26.56 -8.73
N GLY B 53 -1.19 -27.60 -9.29
CA GLY B 53 -0.90 -28.03 -10.64
C GLY B 53 -0.71 -26.96 -11.71
N ASP B 54 -1.79 -26.33 -12.14
CA ASP B 54 -1.74 -25.31 -13.17
C ASP B 54 -1.85 -23.89 -12.64
N ALA B 55 -1.21 -23.62 -11.51
CA ALA B 55 -1.24 -22.28 -10.93
C ALA B 55 -0.38 -21.35 -11.78
N LEU B 56 -0.71 -20.06 -11.76
CA LEU B 56 0.05 -19.07 -12.52
C LEU B 56 1.41 -18.85 -11.88
N THR B 57 2.39 -18.47 -12.69
CA THR B 57 3.74 -18.21 -12.21
C THR B 57 4.26 -16.94 -12.89
N GLY B 58 5.43 -16.48 -12.43
CA GLY B 58 6.04 -15.29 -13.01
C GLY B 58 5.15 -14.05 -13.09
N GLU B 59 5.28 -13.32 -14.20
CA GLU B 59 4.50 -12.09 -14.40
C GLU B 59 3.00 -12.31 -14.39
N ALA B 60 2.55 -13.43 -14.95
CA ALA B 60 1.11 -13.72 -14.96
C ALA B 60 0.59 -13.76 -13.53
N ARG B 61 1.37 -14.37 -12.63
CA ARG B 61 0.99 -14.49 -11.23
C ARG B 61 0.93 -13.12 -10.57
N ILE B 62 1.96 -12.31 -10.77
CA ILE B 62 2.02 -10.97 -10.18
C ILE B 62 0.88 -10.08 -10.69
N LYS B 63 0.61 -10.11 -11.99
CA LYS B 63 -0.46 -9.27 -12.53
C LYS B 63 -1.83 -9.67 -12.01
N PHE B 64 -2.07 -10.97 -11.84
CA PHE B 64 -3.35 -11.41 -11.31
C PHE B 64 -3.51 -10.93 -9.86
N ALA B 65 -2.42 -11.02 -9.09
CA ALA B 65 -2.45 -10.57 -7.70
C ALA B 65 -2.76 -9.07 -7.63
N GLU B 66 -2.13 -8.29 -8.50
CA GLU B 66 -2.33 -6.85 -8.52
C GLU B 66 -3.78 -6.49 -8.88
N LYS B 67 -4.37 -7.24 -9.82
CA LYS B 67 -5.75 -6.97 -10.21
C LYS B 67 -6.71 -7.35 -9.08
N ALA B 68 -6.40 -8.42 -8.37
CA ALA B 68 -7.23 -8.84 -7.25
C ALA B 68 -7.11 -7.81 -6.13
N GLN B 69 -5.89 -7.31 -5.91
CA GLN B 69 -5.67 -6.31 -4.87
C GLN B 69 -6.43 -5.02 -5.22
N ALA B 70 -6.46 -4.70 -6.51
CA ALA B 70 -7.16 -3.50 -6.97
C ALA B 70 -8.66 -3.64 -6.71
N ALA B 71 -9.19 -4.85 -6.93
CA ALA B 71 -10.60 -5.10 -6.70
C ALA B 71 -10.93 -4.94 -5.22
N CYS B 72 -10.04 -5.41 -4.35
CA CYS B 72 -10.27 -5.28 -2.91
C CYS B 72 -10.25 -3.80 -2.52
N ARG B 73 -9.36 -3.02 -3.10
CA ARG B 73 -9.29 -1.59 -2.80
C ARG B 73 -10.61 -0.91 -3.20
N GLU B 74 -11.14 -1.27 -4.35
CA GLU B 74 -12.39 -0.69 -4.83
C GLU B 74 -13.57 -1.00 -3.91
N ALA B 75 -13.58 -2.21 -3.35
CA ALA B 75 -14.65 -2.64 -2.46
C ALA B 75 -14.42 -2.33 -0.99
N GLY B 76 -13.24 -1.80 -0.67
CA GLY B 76 -12.93 -1.48 0.71
C GLY B 76 -12.79 -2.70 1.59
N VAL B 77 -12.19 -3.76 1.05
CA VAL B 77 -11.99 -5.02 1.77
C VAL B 77 -10.50 -5.36 1.80
N PRO B 78 -9.99 -5.83 2.96
CA PRO B 78 -8.56 -6.16 3.06
C PRO B 78 -8.13 -7.32 2.15
N PHE B 79 -6.89 -7.20 1.66
CA PHE B 79 -6.26 -8.17 0.76
C PHE B 79 -5.15 -8.94 1.50
N ILE B 80 -5.34 -10.24 1.65
CA ILE B 80 -4.38 -11.10 2.34
C ILE B 80 -3.69 -12.02 1.34
N VAL B 81 -2.38 -12.22 1.51
CA VAL B 81 -1.62 -13.10 0.62
C VAL B 81 -1.28 -14.43 1.31
N ASN B 82 -1.45 -15.54 0.63
CA ASN B 82 -1.13 -16.84 1.21
C ASN B 82 0.32 -17.26 0.93
N ASP B 83 0.97 -17.84 1.94
CA ASP B 83 2.35 -18.37 1.86
C ASP B 83 3.53 -17.43 1.58
N ASP B 84 3.46 -16.68 0.49
CA ASP B 84 4.54 -15.81 0.04
C ASP B 84 4.74 -14.50 0.81
N VAL B 85 5.59 -14.52 1.83
CA VAL B 85 5.85 -13.34 2.63
C VAL B 85 6.44 -12.20 1.80
N GLU B 86 7.38 -12.54 0.92
CA GLU B 86 8.03 -11.55 0.06
C GLU B 86 7.00 -10.83 -0.81
N LEU B 87 6.09 -11.58 -1.40
CA LEU B 87 5.05 -11.00 -2.25
C LEU B 87 4.15 -10.08 -1.44
N ALA B 88 3.76 -10.52 -0.25
CA ALA B 88 2.90 -9.72 0.61
C ALA B 88 3.54 -8.38 0.91
N LEU B 89 4.84 -8.39 1.19
CA LEU B 89 5.56 -7.15 1.49
C LEU B 89 5.70 -6.28 0.24
N ASN B 90 6.09 -6.90 -0.88
CA ASN B 90 6.28 -6.16 -2.12
C ASN B 90 5.01 -5.49 -2.64
N LEU B 91 3.86 -6.14 -2.46
CA LEU B 91 2.58 -5.61 -2.91
C LEU B 91 1.91 -4.68 -1.89
N LYS B 92 2.48 -4.60 -0.69
CA LYS B 92 1.90 -3.79 0.38
C LYS B 92 0.53 -4.37 0.74
N ALA B 93 0.47 -5.68 0.84
CA ALA B 93 -0.76 -6.38 1.18
C ALA B 93 -1.17 -6.03 2.61
N ASP B 94 -2.43 -6.28 2.95
CA ASP B 94 -2.93 -5.98 4.29
C ASP B 94 -2.61 -7.08 5.29
N GLY B 95 -2.21 -8.24 4.78
CA GLY B 95 -1.89 -9.34 5.66
C GLY B 95 -1.30 -10.53 4.94
N ILE B 96 -0.90 -11.51 5.72
CA ILE B 96 -0.28 -12.73 5.21
C ILE B 96 -0.83 -13.92 5.99
N HIS B 97 -1.09 -15.02 5.29
CA HIS B 97 -1.56 -16.23 5.95
C HIS B 97 -0.52 -17.33 5.75
N ILE B 98 -0.15 -18.00 6.84
CA ILE B 98 0.85 -19.07 6.77
C ILE B 98 0.38 -20.34 7.48
N GLY B 99 0.93 -21.48 7.05
CA GLY B 99 0.57 -22.75 7.65
C GLY B 99 1.72 -23.34 8.45
N GLN B 100 1.52 -24.54 8.98
CA GLN B 100 2.52 -25.21 9.81
C GLN B 100 3.81 -25.59 9.09
N GLU B 101 3.77 -25.70 7.77
CA GLU B 101 4.96 -26.06 7.00
C GLU B 101 5.56 -24.86 6.28
N ASP B 102 5.03 -23.67 6.55
CA ASP B 102 5.54 -22.46 5.92
C ASP B 102 6.53 -21.74 6.83
N ALA B 103 6.82 -20.47 6.54
CA ALA B 103 7.76 -19.71 7.34
C ALA B 103 7.34 -19.64 8.81
N ASN B 104 8.31 -19.64 9.70
CA ASN B 104 8.04 -19.59 11.14
C ASN B 104 7.29 -18.31 11.49
N ALA B 105 6.19 -18.46 12.22
CA ALA B 105 5.36 -17.31 12.60
C ALA B 105 6.08 -16.18 13.32
N LYS B 106 7.06 -16.51 14.16
CA LYS B 106 7.79 -15.48 14.88
C LYS B 106 8.59 -14.63 13.91
N GLU B 107 9.23 -15.28 12.95
CA GLU B 107 10.00 -14.57 11.94
C GLU B 107 9.10 -13.69 11.09
N VAL B 108 7.94 -14.20 10.71
CA VAL B 108 7.01 -13.45 9.90
C VAL B 108 6.44 -12.24 10.66
N ARG B 109 6.06 -12.44 11.92
CA ARG B 109 5.52 -11.37 12.76
C ARG B 109 6.46 -10.16 12.77
N ALA B 110 7.76 -10.43 12.93
CA ALA B 110 8.75 -9.37 12.98
C ALA B 110 9.01 -8.69 11.63
N ALA B 111 8.85 -9.45 10.54
CA ALA B 111 9.09 -8.92 9.19
C ALA B 111 7.96 -8.09 8.62
N ILE B 112 6.73 -8.29 9.09
CA ILE B 112 5.58 -7.58 8.54
C ILE B 112 5.05 -6.40 9.35
N GLY B 113 5.78 -5.96 10.35
CA GLY B 113 5.30 -4.83 11.15
C GLY B 113 3.96 -5.18 11.77
N ASP B 114 2.96 -4.34 11.60
CA ASP B 114 1.65 -4.60 12.18
C ASP B 114 0.59 -5.10 11.19
N MET B 115 1.04 -5.68 10.08
CA MET B 115 0.13 -6.24 9.09
C MET B 115 -0.62 -7.39 9.76
N ILE B 116 -1.76 -7.78 9.18
CA ILE B 116 -2.54 -8.88 9.72
C ILE B 116 -1.81 -10.20 9.48
N LEU B 117 -1.74 -11.04 10.52
CA LEU B 117 -1.08 -12.33 10.42
C LEU B 117 -2.04 -13.46 10.77
N GLY B 118 -2.26 -14.36 9.82
CA GLY B 118 -3.14 -15.50 10.06
C GLY B 118 -2.32 -16.78 10.05
N VAL B 119 -2.65 -17.72 10.93
CA VAL B 119 -1.93 -18.99 10.99
C VAL B 119 -2.90 -20.17 10.99
N ALA B 120 -2.62 -21.17 10.16
CA ALA B 120 -3.46 -22.36 10.10
C ALA B 120 -3.05 -23.27 11.24
N ALA B 121 -4.03 -23.75 12.01
CA ALA B 121 -3.75 -24.63 13.14
C ALA B 121 -4.68 -25.83 13.13
N HIS B 122 -4.21 -26.95 13.66
CA HIS B 122 -4.99 -28.17 13.66
C HIS B 122 -5.08 -28.86 15.03
N THR B 123 -4.33 -28.34 15.99
CA THR B 123 -4.33 -28.91 17.34
C THR B 123 -4.34 -27.78 18.37
N MET B 124 -4.69 -28.10 19.60
CA MET B 124 -4.72 -27.11 20.67
C MET B 124 -3.34 -26.48 20.85
N SER B 125 -2.30 -27.31 20.78
CA SER B 125 -0.93 -26.83 20.94
C SER B 125 -0.56 -25.82 19.85
N GLU B 126 -1.01 -26.09 18.63
CA GLU B 126 -0.71 -25.18 17.52
C GLU B 126 -1.46 -23.86 17.67
N VAL B 127 -2.67 -23.91 18.22
CA VAL B 127 -3.44 -22.69 18.44
C VAL B 127 -2.73 -21.81 19.47
N LYS B 128 -2.34 -22.41 20.60
CA LYS B 128 -1.66 -21.66 21.64
C LYS B 128 -0.32 -21.10 21.16
N GLN B 129 0.39 -21.88 20.35
CA GLN B 129 1.68 -21.43 19.82
C GLN B 129 1.49 -20.25 18.86
N ALA B 130 0.43 -20.30 18.05
CA ALA B 130 0.14 -19.23 17.11
C ALA B 130 -0.11 -17.93 17.87
N GLU B 131 -0.88 -18.00 18.95
CA GLU B 131 -1.17 -16.82 19.75
C GLU B 131 0.12 -16.25 20.33
N GLU B 132 0.96 -17.12 20.86
CA GLU B 132 2.23 -16.69 21.46
C GLU B 132 3.17 -16.07 20.42
N ASP B 133 3.12 -16.59 19.19
CA ASP B 133 3.97 -16.07 18.11
C ASP B 133 3.49 -14.74 17.55
N GLY B 134 2.29 -14.32 17.94
CA GLY B 134 1.78 -13.03 17.47
C GLY B 134 0.75 -13.07 16.35
N ALA B 135 0.09 -14.20 16.16
CA ALA B 135 -0.93 -14.30 15.11
C ALA B 135 -2.14 -13.46 15.50
N ASP B 136 -2.78 -12.83 14.51
CA ASP B 136 -3.97 -12.04 14.77
C ASP B 136 -5.23 -12.88 14.65
N TYR B 137 -5.12 -14.01 13.95
CA TYR B 137 -6.25 -14.95 13.84
C TYR B 137 -5.73 -16.33 13.47
N VAL B 138 -6.54 -17.36 13.72
CA VAL B 138 -6.16 -18.71 13.36
C VAL B 138 -7.25 -19.33 12.46
N GLY B 139 -6.81 -20.09 11.47
CA GLY B 139 -7.73 -20.78 10.59
C GLY B 139 -7.74 -22.23 11.01
N LEU B 140 -8.91 -22.70 11.46
CA LEU B 140 -9.04 -24.07 11.93
C LEU B 140 -9.81 -24.97 10.97
N GLY B 141 -9.27 -26.15 10.70
CA GLY B 141 -9.92 -27.08 9.79
C GLY B 141 -9.00 -28.22 9.40
N PRO B 142 -9.41 -29.05 8.43
CA PRO B 142 -10.67 -28.94 7.72
C PRO B 142 -11.87 -29.34 8.59
N ILE B 143 -12.91 -28.52 8.54
CA ILE B 143 -14.13 -28.78 9.31
C ILE B 143 -14.90 -29.93 8.68
N TYR B 144 -15.06 -29.86 7.36
CA TYR B 144 -15.78 -30.87 6.58
C TYR B 144 -14.86 -31.35 5.46
N PRO B 145 -15.22 -32.45 4.79
CA PRO B 145 -14.39 -32.97 3.70
C PRO B 145 -14.23 -31.96 2.56
N THR B 146 -13.04 -31.92 1.98
CA THR B 146 -12.75 -31.01 0.87
C THR B 146 -11.81 -31.67 -0.13
N GLU B 147 -11.98 -31.33 -1.40
CA GLU B 147 -11.14 -31.88 -2.46
C GLU B 147 -10.38 -30.75 -3.13
N THR B 148 -10.63 -29.51 -2.68
CA THR B 148 -9.95 -28.35 -3.25
C THR B 148 -8.48 -28.37 -2.88
N LYS B 149 -8.19 -28.77 -1.64
CA LYS B 149 -6.82 -28.89 -1.15
C LYS B 149 -6.66 -30.39 -0.86
N LYS B 150 -5.66 -31.02 -1.48
CA LYS B 150 -5.44 -32.45 -1.31
C LYS B 150 -4.61 -32.85 -0.09
N ASP B 151 -3.55 -32.12 0.18
CA ASP B 151 -2.69 -32.42 1.32
C ASP B 151 -3.21 -31.81 2.61
N THR B 152 -4.39 -32.25 3.05
CA THR B 152 -4.99 -31.71 4.26
C THR B 152 -4.88 -32.67 5.45
N ARG B 153 -5.00 -32.11 6.65
CA ARG B 153 -4.94 -32.90 7.87
C ARG B 153 -6.32 -33.55 8.01
N ALA B 154 -6.47 -34.43 8.99
CA ALA B 154 -7.74 -35.12 9.21
C ALA B 154 -8.91 -34.20 9.52
N VAL B 155 -10.09 -34.56 9.02
CA VAL B 155 -11.30 -33.78 9.24
C VAL B 155 -11.55 -33.72 10.75
N GLN B 156 -11.90 -32.54 11.26
CA GLN B 156 -12.12 -32.38 12.69
C GLN B 156 -13.48 -31.84 13.09
N GLY B 157 -14.36 -31.58 12.14
CA GLY B 157 -15.66 -31.03 12.50
C GLY B 157 -15.42 -29.75 13.27
N VAL B 158 -16.26 -29.46 14.26
CA VAL B 158 -16.08 -28.23 15.05
C VAL B 158 -15.47 -28.54 16.41
N SER B 159 -14.89 -29.74 16.55
CA SER B 159 -14.30 -30.16 17.81
C SER B 159 -13.22 -29.23 18.35
N LEU B 160 -12.28 -28.82 17.51
CA LEU B 160 -11.21 -27.93 17.97
C LEU B 160 -11.74 -26.55 18.32
N ILE B 161 -12.67 -26.04 17.51
CA ILE B 161 -13.25 -24.73 17.76
C ILE B 161 -13.89 -24.74 19.16
N GLU B 162 -14.68 -25.77 19.44
CA GLU B 162 -15.34 -25.89 20.74
C GLU B 162 -14.34 -25.99 21.87
N ALA B 163 -13.29 -26.80 21.68
CA ALA B 163 -12.28 -26.99 22.71
C ALA B 163 -11.54 -25.70 23.03
N VAL B 164 -11.22 -24.93 22.01
CA VAL B 164 -10.51 -23.67 22.20
C VAL B 164 -11.36 -22.72 23.04
N ARG B 165 -12.64 -22.58 22.71
CA ARG B 165 -13.52 -21.69 23.46
C ARG B 165 -13.81 -22.21 24.86
N ARG B 166 -13.93 -23.53 25.03
CA ARG B 166 -14.19 -24.08 26.35
C ARG B 166 -13.07 -23.73 27.32
N GLN B 167 -11.86 -23.60 26.80
CA GLN B 167 -10.70 -23.26 27.61
C GLN B 167 -10.53 -21.77 27.87
N GLY B 168 -11.43 -20.96 27.31
CA GLY B 168 -11.37 -19.54 27.53
C GLY B 168 -10.44 -18.75 26.61
N ILE B 169 -9.95 -19.39 25.55
CA ILE B 169 -9.08 -18.72 24.59
C ILE B 169 -9.96 -17.87 23.68
N SER B 170 -9.67 -16.56 23.61
CA SER B 170 -10.48 -15.62 22.83
C SER B 170 -9.92 -15.19 21.46
N ILE B 171 -8.85 -15.83 21.01
CA ILE B 171 -8.25 -15.47 19.73
C ILE B 171 -9.27 -15.57 18.59
N PRO B 172 -9.21 -14.65 17.61
CA PRO B 172 -10.15 -14.70 16.48
C PRO B 172 -9.98 -16.01 15.73
N ILE B 173 -11.11 -16.67 15.45
CA ILE B 173 -11.11 -17.95 14.74
C ILE B 173 -11.98 -17.95 13.50
N VAL B 174 -11.47 -18.55 12.43
CA VAL B 174 -12.25 -18.72 11.20
C VAL B 174 -12.17 -20.19 10.84
N GLY B 175 -13.30 -20.79 10.53
CA GLY B 175 -13.33 -22.19 10.16
C GLY B 175 -13.13 -22.34 8.66
N ILE B 176 -12.55 -23.47 8.25
CA ILE B 176 -12.31 -23.72 6.84
C ILE B 176 -12.37 -25.19 6.47
N GLY B 177 -12.75 -25.46 5.22
CA GLY B 177 -12.82 -26.83 4.74
C GLY B 177 -14.21 -27.36 4.46
N GLY B 178 -14.55 -27.44 3.18
CA GLY B 178 -15.86 -27.94 2.76
C GLY B 178 -17.07 -27.18 3.25
N ILE B 179 -16.88 -25.91 3.61
CA ILE B 179 -18.00 -25.12 4.11
C ILE B 179 -18.91 -24.59 3.00
N THR B 180 -20.21 -24.77 3.20
CA THR B 180 -21.23 -24.35 2.25
C THR B 180 -22.27 -23.50 2.98
N ILE B 181 -23.16 -22.90 2.22
CA ILE B 181 -24.21 -22.08 2.80
C ILE B 181 -25.07 -22.91 3.76
N ASP B 182 -25.25 -24.18 3.45
CA ASP B 182 -26.07 -25.06 4.28
C ASP B 182 -25.43 -25.61 5.56
N ASN B 183 -24.10 -25.67 5.62
CA ASN B 183 -23.45 -26.21 6.82
C ASN B 183 -22.61 -25.19 7.58
N ALA B 184 -22.80 -23.92 7.30
CA ALA B 184 -22.02 -22.87 7.95
C ALA B 184 -22.47 -22.53 9.38
N ALA B 185 -23.77 -22.61 9.63
CA ALA B 185 -24.31 -22.28 10.94
C ALA B 185 -23.58 -22.92 12.13
N PRO B 186 -23.40 -24.26 12.11
CA PRO B 186 -22.72 -24.95 13.20
C PRO B 186 -21.32 -24.43 13.52
N VAL B 187 -20.64 -23.92 12.50
CA VAL B 187 -19.29 -23.41 12.68
C VAL B 187 -19.32 -22.15 13.56
N ILE B 188 -20.28 -21.27 13.29
CA ILE B 188 -20.42 -20.05 14.07
C ILE B 188 -20.94 -20.39 15.47
N GLN B 189 -21.92 -21.29 15.53
CA GLN B 189 -22.49 -21.69 16.82
C GLN B 189 -21.44 -22.31 17.74
N ALA B 190 -20.44 -22.95 17.15
CA ALA B 190 -19.38 -23.59 17.93
C ALA B 190 -18.42 -22.57 18.54
N GLY B 191 -18.43 -21.35 18.03
CA GLY B 191 -17.55 -20.32 18.56
C GLY B 191 -16.69 -19.58 17.56
N ALA B 192 -16.75 -19.96 16.29
CA ALA B 192 -15.94 -19.28 15.28
C ALA B 192 -16.48 -17.89 15.00
N ASP B 193 -15.59 -16.99 14.57
CA ASP B 193 -15.99 -15.62 14.26
C ASP B 193 -16.31 -15.45 12.78
N GLY B 194 -16.19 -16.54 12.03
CA GLY B 194 -16.48 -16.48 10.61
C GLY B 194 -16.17 -17.79 9.92
N VAL B 195 -16.48 -17.83 8.63
CA VAL B 195 -16.23 -19.00 7.81
C VAL B 195 -15.46 -18.57 6.56
N SER B 196 -14.58 -19.46 6.09
CA SER B 196 -13.79 -19.19 4.90
C SER B 196 -14.08 -20.29 3.91
N MET B 197 -14.04 -19.95 2.63
CA MET B 197 -14.35 -20.93 1.60
C MET B 197 -13.75 -20.60 0.25
N ILE B 198 -13.64 -21.63 -0.59
CA ILE B 198 -13.14 -21.44 -1.94
C ILE B 198 -14.25 -21.84 -2.92
N SER B 199 -14.43 -23.14 -3.11
CA SER B 199 -15.41 -23.65 -4.08
C SER B 199 -16.88 -23.24 -3.92
N ALA B 200 -17.38 -23.11 -2.70
CA ALA B 200 -18.78 -22.73 -2.52
C ALA B 200 -19.11 -21.41 -3.23
N ILE B 201 -18.11 -20.56 -3.41
CA ILE B 201 -18.32 -19.29 -4.10
C ILE B 201 -17.69 -19.27 -5.50
N SER B 202 -16.44 -19.72 -5.59
CA SER B 202 -15.72 -19.72 -6.86
C SER B 202 -16.35 -20.55 -7.97
N GLN B 203 -17.06 -21.61 -7.61
CA GLN B 203 -17.67 -22.48 -8.60
C GLN B 203 -19.20 -22.40 -8.61
N ALA B 204 -19.75 -21.40 -7.93
CA ALA B 204 -21.19 -21.22 -7.90
C ALA B 204 -21.67 -20.59 -9.20
N GLU B 205 -22.92 -20.83 -9.55
CA GLU B 205 -23.49 -20.27 -10.77
C GLU B 205 -23.47 -18.74 -10.71
N ASP B 206 -23.71 -18.22 -9.51
CA ASP B 206 -23.72 -16.78 -9.29
C ASP B 206 -22.93 -16.47 -8.02
N PRO B 207 -21.61 -16.23 -8.16
CA PRO B 207 -20.72 -15.92 -7.03
C PRO B 207 -21.21 -14.75 -6.17
N GLU B 208 -21.80 -13.75 -6.79
CA GLU B 208 -22.29 -12.59 -6.06
C GLU B 208 -23.43 -12.98 -5.12
N SER B 209 -24.38 -13.75 -5.63
CA SER B 209 -25.52 -14.18 -4.81
C SER B 209 -25.06 -15.13 -3.72
N ALA B 210 -24.09 -15.98 -4.03
CA ALA B 210 -23.57 -16.92 -3.05
C ALA B 210 -22.93 -16.17 -1.89
N ALA B 211 -22.15 -15.14 -2.20
CA ALA B 211 -21.48 -14.34 -1.19
C ALA B 211 -22.52 -13.61 -0.34
N ARG B 212 -23.58 -13.12 -0.99
CA ARG B 212 -24.64 -12.41 -0.29
C ARG B 212 -25.37 -13.34 0.67
N LYS B 213 -25.63 -14.58 0.23
CA LYS B 213 -26.32 -15.55 1.06
C LYS B 213 -25.46 -15.87 2.29
N PHE B 214 -24.16 -16.03 2.08
CA PHE B 214 -23.24 -16.31 3.18
C PHE B 214 -23.28 -15.16 4.19
N ARG B 215 -23.11 -13.93 3.69
CA ARG B 215 -23.10 -12.75 4.54
C ARG B 215 -24.37 -12.61 5.37
N GLU B 216 -25.52 -12.81 4.73
CA GLU B 216 -26.79 -12.69 5.43
C GLU B 216 -26.94 -13.69 6.58
N GLU B 217 -26.66 -14.96 6.31
CA GLU B 217 -26.80 -15.97 7.35
C GLU B 217 -25.74 -15.85 8.44
N ILE B 218 -24.50 -15.52 8.07
CA ILE B 218 -23.46 -15.39 9.08
C ILE B 218 -23.82 -14.24 10.03
N GLN B 219 -24.32 -13.14 9.48
CA GLN B 219 -24.71 -12.01 10.30
C GLN B 219 -25.78 -12.43 11.31
N THR B 220 -26.71 -13.27 10.85
CA THR B 220 -27.78 -13.75 11.72
C THR B 220 -27.23 -14.60 12.87
N TYR B 221 -26.35 -15.54 12.55
CA TYR B 221 -25.77 -16.43 13.55
C TYR B 221 -24.91 -15.69 14.57
N LYS B 222 -24.16 -14.69 14.10
CA LYS B 222 -23.30 -13.92 14.99
C LYS B 222 -24.06 -12.98 15.90
N THR B 223 -25.26 -12.58 15.46
CA THR B 223 -26.10 -11.69 16.25
C THR B 223 -26.61 -12.38 17.51
N GLY B 224 -27.02 -13.64 17.35
CA GLY B 224 -27.53 -14.39 18.49
C GLY B 224 -26.54 -15.36 19.10
N ARG B 225 -25.38 -14.85 19.50
CA ARG B 225 -24.35 -15.71 20.09
C ARG B 225 -24.35 -15.59 21.62
MG MG C . 2.58 22.24 2.35
N1A ICP D . 9.80 20.95 -2.44
C2A ICP D . 9.09 19.87 -2.91
CM2 ICP D . 9.87 18.72 -3.36
N3A ICP D . 7.77 19.83 -2.96
C4A ICP D . 7.05 20.94 -2.52
N4A ICP D . 5.72 20.86 -2.60
C5A ICP D . 7.77 22.11 -2.01
C6A ICP D . 9.13 22.06 -2.00
C7A ICP D . 7.10 23.36 -1.52
P1 POP E . 4.96 23.98 1.25
P1 POP E . 4.26 24.88 1.46
O1 POP E . 5.69 22.61 0.94
O1 POP E . 5.70 25.53 1.38
O2 POP E . 4.10 23.76 2.43
O2 POP E . 4.32 23.75 2.41
O3 POP E . 6.11 24.91 1.37
O3 POP E . 3.41 26.04 1.79
O POP E . 4.00 24.26 0.00
P2 POP E . 2.85 23.52 -0.79
O4 POP E . 1.97 24.61 -1.23
O5 POP E . 3.48 22.76 -1.88
O6 POP E . 2.27 22.70 0.30
N3 TZP F . 6.75 25.15 -3.86
C2 TZP F . 7.63 26.14 -4.01
S1 TZP F . 7.68 26.78 -5.55
C5 TZP F . 6.45 25.64 -6.02
C4 TZP F . 6.08 24.86 -4.98
CM4 TZP F . 5.03 23.75 -5.00
C6 TZP F . 5.90 25.58 -7.42
C7 TZP F . 6.60 24.79 -8.45
O7 TZP F . 5.85 24.98 -9.66
P1 TZP F . 6.58 25.34 -11.01
O1 TZP F . 7.26 26.62 -10.69
O2 TZP F . 5.56 25.34 -12.07
O3 TZP F . 7.60 24.12 -11.29
MG MG G . 0.52 -22.57 3.37
N1A ICP H . -7.33 -20.95 6.96
C2A ICP H . -7.31 -19.88 6.09
CM2 ICP H . -8.08 -18.72 6.48
N3A ICP H . -6.63 -19.88 4.95
C4A ICP H . -5.90 -21.01 4.61
N4A ICP H . -5.24 -20.96 3.46
C5A ICP H . -5.89 -22.17 5.49
C6A ICP H . -6.62 -22.08 6.65
C7A ICP H . -5.15 -23.45 5.23
P1 POP I . -1.67 -24.16 4.91
P1 POP I . -1.28 -24.89 4.58
O1 POP I . -2.31 -22.81 5.42
O1 POP I . -2.12 -24.93 5.92
O2 POP I . -0.23 -23.92 4.72
O2 POP I . -0.85 -26.25 4.28
O3 POP I . -2.11 -25.13 5.94
O3 POP I . -0.26 -23.86 4.90
O POP I . -2.32 -24.43 3.45
P2 POP I . -2.31 -23.78 2.03
O4 POP I . -2.30 -24.91 1.11
O5 POP I . -3.52 -22.93 1.93
O6 POP I . -1.03 -23.04 2.06
N3 TZP J . -7.02 -25.26 3.73
C2 TZP J . -7.61 -26.19 4.48
S1 TZP J . -8.99 -26.82 3.78
C5 TZP J . -8.76 -25.77 2.41
C4 TZP J . -7.63 -25.00 2.57
CM4 TZP J . -7.10 -23.98 1.61
C6 TZP J . -9.68 -25.74 1.22
C7 TZP J . -10.90 -24.90 1.26
O7 TZP J . -11.55 -25.09 -0.01
P1 TZP J . -13.10 -25.40 -0.08
O1 TZP J . -13.22 -26.67 0.69
O2 TZP J . -13.49 -25.39 -1.51
O3 TZP J . -13.82 -24.14 0.62
#